data_6Q2P
#
_entry.id   6Q2P
#
_cell.length_a   36.483
_cell.length_b   142.588
_cell.length_c   143.732
_cell.angle_alpha   90.000
_cell.angle_beta   90.000
_cell.angle_gamma   90.000
#
_symmetry.space_group_name_H-M   'P 21 21 21'
#
loop_
_entity.id
_entity.type
_entity.pdbx_description
1 polymer 'Radical S-adenosyl methionine domain-containing protein 2'
2 non-polymer 'IRON/SULFUR CLUSTER'
3 non-polymer S-ADENOSYL-L-HOMOCYSTEINE
4 non-polymer "CYTIDINE-5'-TRIPHOSPHATE"
5 non-polymer 'CHLORIDE ION'
6 non-polymer 2-[3-(2-HYDROXY-1,1-DIHYDROXYMETHYL-ETHYLAMINO)-PROPYLAMINO]-2-HYDROXYMETHYL-PROPANE-1,3-DIOL
7 water water
#
_entity_poly.entity_id   1
_entity_poly.type   'polypeptide(L)'
_entity_poly.pdbx_seq_one_letter_code
;GKEQPQVRGELEETQETQEDGNSTQRTTPVSVNYHFTRQCNYKCGFCFHTAKTSFVLPLEEAKRGLLLLKQAGLEKINFS
GGEPFLQDRGEYLGKLVRFCKEELALPSVSIVSNGSLIRERWFKDYGEYLDILAISCDSFDEQVNALIGRGQGKKNHVEN
LQKLRRWCRDYKVAFKINSVINRFNVDEDMNEHIKALSPVRWKVFQCLLIEGENSGADALRAAERFLISNEEFETFLERH
KEVSCLVPESNQKMKDSYLILDEYMRFLNCTGGRKDPSKSILDVGVEEAIKFSGFDEKMFLKRGGKYVWSKADLKLDW
;
_entity_poly.pdbx_strand_id   A,B
#
# COMPACT_ATOMS: atom_id res chain seq x y z
N ARG A 26 -21.82 17.54 -2.01
CA ARG A 26 -21.32 18.50 -1.03
C ARG A 26 -19.91 18.98 -1.34
N THR A 27 -19.21 18.26 -2.22
CA THR A 27 -17.82 18.58 -2.57
C THR A 27 -17.81 19.61 -3.69
N THR A 28 -17.30 20.80 -3.39
CA THR A 28 -17.06 21.81 -4.41
C THR A 28 -15.69 21.57 -5.04
N PRO A 29 -15.59 21.51 -6.37
CA PRO A 29 -14.27 21.26 -7.02
C PRO A 29 -13.40 22.51 -7.09
N VAL A 30 -12.85 22.91 -5.94
CA VAL A 30 -12.14 24.18 -5.86
C VAL A 30 -10.84 24.12 -6.64
N SER A 31 -10.05 23.07 -6.44
CA SER A 31 -8.75 22.94 -7.07
C SER A 31 -8.67 21.54 -7.64
N VAL A 32 -8.53 21.43 -8.96
CA VAL A 32 -8.67 20.17 -9.68
C VAL A 32 -7.47 19.95 -10.58
N ASN A 33 -6.98 18.71 -10.60
CA ASN A 33 -5.94 18.28 -11.53
C ASN A 33 -6.59 17.59 -12.73
N TYR A 34 -6.18 17.97 -13.93
CA TYR A 34 -6.69 17.36 -15.15
C TYR A 34 -5.49 16.72 -15.86
N HIS A 35 -5.42 15.38 -15.76
CA HIS A 35 -4.37 14.61 -16.44
C HIS A 35 -4.91 14.27 -17.83
N PHE A 36 -4.74 15.22 -18.76
CA PHE A 36 -5.44 15.10 -20.04
C PHE A 36 -4.82 14.07 -20.98
N THR A 37 -3.58 13.67 -20.72
CA THR A 37 -2.92 12.64 -21.51
C THR A 37 -2.16 11.73 -20.56
N ARG A 38 -2.05 10.46 -20.94
CA ARG A 38 -1.19 9.52 -20.23
C ARG A 38 0.11 9.22 -20.98
N GLN A 39 0.32 9.84 -22.14
CA GLN A 39 1.57 9.68 -22.85
C GLN A 39 2.69 10.36 -22.08
N CYS A 40 3.87 9.76 -22.07
CA CYS A 40 5.05 10.44 -21.53
C CYS A 40 6.28 10.08 -22.36
N ASN A 41 7.27 10.97 -22.30
CA ASN A 41 8.56 10.76 -22.95
C ASN A 41 9.67 10.36 -21.99
N TYR A 42 9.39 10.30 -20.69
CA TYR A 42 10.34 9.87 -19.66
C TYR A 42 9.94 8.48 -19.16
N LYS A 43 10.76 7.93 -18.25
CA LYS A 43 10.61 6.53 -17.84
C LYS A 43 10.75 6.37 -16.33
N CYS A 44 10.31 7.35 -15.55
CA CYS A 44 10.54 7.33 -14.11
C CYS A 44 10.04 6.01 -13.51
N GLY A 45 10.92 5.31 -12.79
CA GLY A 45 10.58 3.96 -12.38
C GLY A 45 9.44 3.86 -11.38
N PHE A 46 9.15 4.94 -10.67
CA PHE A 46 8.07 4.96 -9.69
C PHE A 46 6.78 5.57 -10.22
N CYS A 47 6.73 5.95 -11.50
CA CYS A 47 5.61 6.75 -12.02
C CYS A 47 4.27 6.18 -11.60
N PHE A 48 3.44 7.03 -10.98
CA PHE A 48 2.11 6.61 -10.55
C PHE A 48 0.98 7.04 -11.49
N HIS A 49 1.32 7.54 -12.69
CA HIS A 49 0.28 7.94 -13.64
C HIS A 49 0.77 7.57 -15.03
N THR A 50 0.60 6.28 -15.34
CA THR A 50 1.33 5.61 -16.41
C THR A 50 0.57 5.61 -17.74
N ALA A 51 1.27 5.14 -18.77
CA ALA A 51 0.82 5.27 -20.16
C ALA A 51 -0.16 4.15 -20.56
N LYS A 52 -1.29 4.13 -19.85
CA LYS A 52 -2.27 3.05 -19.98
C LYS A 52 -3.18 3.20 -21.19
N THR A 53 -3.35 4.41 -21.71
CA THR A 53 -4.16 4.64 -22.90
C THR A 53 -3.51 5.74 -23.72
N SER A 54 -3.94 5.83 -24.98
CA SER A 54 -3.59 6.95 -25.85
C SER A 54 -4.79 7.86 -26.09
N PHE A 55 -5.77 7.82 -25.19
CA PHE A 55 -6.94 8.68 -25.35
C PHE A 55 -6.66 10.07 -24.82
N VAL A 56 -7.04 11.08 -25.61
CA VAL A 56 -7.05 12.47 -25.20
C VAL A 56 -8.34 13.08 -25.73
N LEU A 57 -9.04 13.85 -24.90
CA LEU A 57 -10.28 14.45 -25.37
C LEU A 57 -10.00 15.41 -26.53
N PRO A 58 -10.91 15.51 -27.49
CA PRO A 58 -10.87 16.64 -28.42
C PRO A 58 -10.84 17.93 -27.61
N LEU A 59 -10.10 18.91 -28.12
CA LEU A 59 -9.95 20.17 -27.39
C LEU A 59 -11.29 20.78 -26.99
N GLU A 60 -12.28 20.72 -27.90
N GLU A 60 -12.29 20.72 -27.88
CA GLU A 60 -13.57 21.33 -27.61
CA GLU A 60 -13.57 21.36 -27.58
C GLU A 60 -14.28 20.63 -26.45
C GLU A 60 -14.32 20.63 -26.48
N GLU A 61 -14.09 19.33 -26.30
CA GLU A 61 -14.71 18.59 -25.22
C GLU A 61 -14.01 18.85 -23.90
N ALA A 62 -12.68 18.96 -23.92
CA ALA A 62 -11.97 19.40 -22.72
C ALA A 62 -12.47 20.76 -22.28
N LYS A 63 -12.65 21.70 -23.23
CA LYS A 63 -13.18 23.01 -22.87
C LYS A 63 -14.58 22.89 -22.26
N ARG A 64 -15.42 22.02 -22.83
CA ARG A 64 -16.76 21.84 -22.26
C ARG A 64 -16.68 21.34 -20.82
N GLY A 65 -15.79 20.38 -20.56
CA GLY A 65 -15.64 19.88 -19.20
C GLY A 65 -15.12 20.94 -18.25
N LEU A 66 -14.15 21.74 -18.71
CA LEU A 66 -13.62 22.82 -17.87
C LEU A 66 -14.69 23.85 -17.55
N LEU A 67 -15.56 24.15 -18.52
CA LEU A 67 -16.67 25.06 -18.24
C LEU A 67 -17.60 24.49 -17.19
N LEU A 68 -17.90 23.18 -17.27
CA LEU A 68 -18.72 22.55 -16.24
C LEU A 68 -18.07 22.67 -14.87
N LEU A 69 -16.75 22.47 -14.79
CA LEU A 69 -16.07 22.63 -13.51
C LEU A 69 -16.18 24.07 -13.01
N LYS A 70 -15.99 25.04 -13.90
CA LYS A 70 -16.10 26.44 -13.47
C LYS A 70 -17.49 26.73 -12.93
N GLN A 71 -18.53 26.24 -13.62
CA GLN A 71 -19.89 26.45 -13.15
C GLN A 71 -20.15 25.80 -11.80
N ALA A 72 -19.36 24.77 -11.44
CA ALA A 72 -19.50 24.06 -10.18
C ALA A 72 -18.60 24.62 -9.08
N GLY A 73 -17.79 25.63 -9.39
CA GLY A 73 -17.01 26.30 -8.35
C GLY A 73 -15.50 26.23 -8.48
N LEU A 74 -15.01 25.79 -9.63
CA LEU A 74 -13.57 25.70 -9.84
C LEU A 74 -12.88 27.05 -9.65
N GLU A 75 -11.76 27.03 -8.93
CA GLU A 75 -10.89 28.19 -8.78
C GLU A 75 -9.50 27.97 -9.31
N LYS A 76 -8.97 26.74 -9.22
CA LYS A 76 -7.63 26.45 -9.70
C LYS A 76 -7.67 25.18 -10.52
N ILE A 77 -7.06 25.22 -11.70
CA ILE A 77 -6.87 24.04 -12.53
C ILE A 77 -5.38 23.80 -12.65
N ASN A 78 -4.96 22.53 -12.48
CA ASN A 78 -3.59 22.14 -12.73
C ASN A 78 -3.59 21.10 -13.83
N PHE A 79 -2.86 21.36 -14.90
CA PHE A 79 -2.72 20.41 -15.99
C PHE A 79 -1.57 19.46 -15.73
N SER A 80 -1.83 18.17 -15.87
CA SER A 80 -0.87 17.13 -15.51
C SER A 80 -0.97 16.01 -16.55
N GLY A 81 -0.42 14.84 -16.20
CA GLY A 81 -0.42 13.70 -17.10
C GLY A 81 0.24 12.51 -16.42
N GLY A 82 1.04 11.70 -17.14
CA GLY A 82 1.51 12.00 -18.48
C GLY A 82 2.35 13.27 -18.54
N GLU A 83 2.91 13.57 -19.70
CA GLU A 83 3.64 14.82 -19.88
C GLU A 83 2.76 15.78 -20.65
N PRO A 84 2.21 16.83 -20.02
CA PRO A 84 1.20 17.64 -20.70
C PRO A 84 1.70 18.38 -21.93
N PHE A 85 2.99 18.67 -22.02
CA PHE A 85 3.50 19.37 -23.18
C PHE A 85 3.56 18.49 -24.44
N LEU A 86 3.31 17.19 -24.32
CA LEU A 86 3.40 16.32 -25.50
C LEU A 86 2.30 16.59 -26.51
N GLN A 87 1.08 16.86 -26.06
CA GLN A 87 -0.07 16.82 -26.94
C GLN A 87 -0.02 17.96 -27.96
N ASP A 88 -0.07 17.62 -29.25
CA ASP A 88 -0.06 18.62 -30.31
C ASP A 88 1.10 19.60 -30.13
N ARG A 89 2.26 19.07 -29.74
CA ARG A 89 3.51 19.83 -29.65
C ARG A 89 3.39 21.04 -28.72
N GLY A 90 2.64 20.87 -27.64
CA GLY A 90 2.45 21.89 -26.63
C GLY A 90 1.29 22.83 -26.88
N GLU A 91 0.68 22.78 -28.07
CA GLU A 91 -0.36 23.75 -28.39
C GLU A 91 -1.68 23.40 -27.75
N TYR A 92 -1.95 22.12 -27.52
CA TYR A 92 -3.17 21.72 -26.82
C TYR A 92 -3.17 22.31 -25.42
N LEU A 93 -2.07 22.12 -24.69
CA LEU A 93 -1.92 22.67 -23.36
C LEU A 93 -2.01 24.19 -23.37
N GLY A 94 -1.33 24.83 -24.31
CA GLY A 94 -1.37 26.29 -24.38
C GLY A 94 -2.78 26.80 -24.60
N LYS A 95 -3.52 26.16 -25.50
CA LYS A 95 -4.89 26.59 -25.76
C LYS A 95 -5.78 26.43 -24.53
N LEU A 96 -5.60 25.34 -23.78
CA LEU A 96 -6.40 25.16 -22.57
C LEU A 96 -6.02 26.17 -21.49
N VAL A 97 -4.72 26.48 -21.36
CA VAL A 97 -4.26 27.49 -20.40
C VAL A 97 -4.91 28.83 -20.71
N ARG A 98 -4.86 29.25 -21.97
CA ARG A 98 -5.46 30.54 -22.33
C ARG A 98 -6.98 30.52 -22.14
N PHE A 99 -7.62 29.42 -22.52
CA PHE A 99 -9.06 29.29 -22.34
C PHE A 99 -9.43 29.45 -20.87
N CYS A 100 -8.72 28.77 -20.00
CA CYS A 100 -9.05 28.85 -18.59
C CYS A 100 -8.83 30.24 -18.03
N LYS A 101 -7.72 30.88 -18.40
CA LYS A 101 -7.43 32.19 -17.83
C LYS A 101 -8.33 33.27 -18.41
N GLU A 102 -8.48 33.28 -19.74
CA GLU A 102 -9.15 34.38 -20.41
C GLU A 102 -10.66 34.18 -20.55
N GLU A 103 -11.10 32.96 -20.91
N GLU A 103 -11.09 32.96 -20.92
CA GLU A 103 -12.52 32.74 -21.13
CA GLU A 103 -12.51 32.72 -21.14
C GLU A 103 -13.25 32.33 -19.85
C GLU A 103 -13.24 32.35 -19.85
N LEU A 104 -12.64 31.50 -19.03
CA LEU A 104 -13.25 31.11 -17.76
C LEU A 104 -12.93 32.07 -16.63
N ALA A 105 -11.87 32.87 -16.78
CA ALA A 105 -11.44 33.81 -15.72
C ALA A 105 -11.05 33.08 -14.44
N LEU A 106 -10.42 31.92 -14.58
CA LEU A 106 -10.03 31.15 -13.41
C LEU A 106 -8.99 31.90 -12.59
N PRO A 107 -9.13 31.95 -11.27
CA PRO A 107 -8.09 32.55 -10.44
C PRO A 107 -6.71 31.95 -10.63
N SER A 108 -6.60 30.64 -10.81
CA SER A 108 -5.27 30.03 -10.93
C SER A 108 -5.25 28.97 -12.02
N VAL A 109 -4.25 29.07 -12.89
CA VAL A 109 -3.98 28.08 -13.92
C VAL A 109 -2.53 27.66 -13.73
N SER A 110 -2.32 26.37 -13.48
CA SER A 110 -0.98 25.85 -13.27
C SER A 110 -0.76 24.60 -14.11
N ILE A 111 0.52 24.20 -14.19
CA ILE A 111 0.99 23.03 -14.90
C ILE A 111 2.01 22.33 -14.01
N VAL A 112 2.04 21.00 -14.08
N VAL A 112 2.03 21.00 -14.05
CA VAL A 112 3.16 20.22 -13.57
CA VAL A 112 3.15 20.21 -13.58
C VAL A 112 3.75 19.43 -14.74
C VAL A 112 3.73 19.49 -14.78
N SER A 113 5.04 19.65 -15.01
CA SER A 113 5.68 19.13 -16.20
C SER A 113 7.07 18.60 -15.88
N ASN A 114 7.53 17.63 -16.68
CA ASN A 114 8.92 17.20 -16.59
C ASN A 114 9.90 18.20 -17.18
N GLY A 115 9.41 19.23 -17.88
CA GLY A 115 10.25 20.31 -18.37
C GLY A 115 11.02 20.02 -19.63
N SER A 116 10.96 18.80 -20.16
CA SER A 116 11.84 18.41 -21.27
C SER A 116 11.47 19.05 -22.59
N LEU A 117 10.20 19.45 -22.78
CA LEU A 117 9.70 19.90 -24.07
C LEU A 117 9.29 21.36 -24.08
N ILE A 118 9.63 22.13 -23.06
CA ILE A 118 9.13 23.49 -22.93
C ILE A 118 10.07 24.42 -23.66
N ARG A 119 9.54 25.15 -24.64
N ARG A 119 9.54 25.17 -24.62
CA ARG A 119 10.32 26.07 -25.45
CA ARG A 119 10.33 26.07 -25.44
C ARG A 119 9.95 27.50 -25.11
C ARG A 119 9.93 27.51 -25.15
N GLU A 120 10.87 28.42 -25.39
CA GLU A 120 10.61 29.82 -25.14
C GLU A 120 9.41 30.33 -25.93
N ARG A 121 9.23 29.82 -27.16
CA ARG A 121 8.07 30.22 -27.96
C ARG A 121 6.77 29.98 -27.22
N TRP A 122 6.70 28.90 -26.43
CA TRP A 122 5.49 28.62 -25.66
C TRP A 122 5.25 29.71 -24.62
N PHE A 123 6.32 30.15 -23.95
CA PHE A 123 6.18 31.28 -23.01
C PHE A 123 5.68 32.53 -23.73
N LYS A 124 6.21 32.80 -24.93
CA LYS A 124 5.79 33.98 -25.67
C LYS A 124 4.30 33.91 -26.01
N ASP A 125 3.82 32.73 -26.38
CA ASP A 125 2.44 32.60 -26.85
C ASP A 125 1.45 32.46 -25.69
N TYR A 126 1.85 31.80 -24.61
CA TYR A 126 0.90 31.39 -23.57
C TYR A 126 1.30 31.82 -22.17
N GLY A 127 2.53 32.27 -21.96
CA GLY A 127 3.01 32.52 -20.61
C GLY A 127 2.18 33.56 -19.87
N GLU A 128 1.65 34.54 -20.58
CA GLU A 128 0.84 35.57 -19.93
C GLU A 128 -0.30 34.95 -19.13
N TYR A 129 -0.87 33.84 -19.63
CA TYR A 129 -2.07 33.23 -19.09
C TYR A 129 -1.79 32.19 -18.01
N LEU A 130 -0.52 31.88 -17.75
CA LEU A 130 -0.16 30.81 -16.82
C LEU A 130 0.25 31.41 -15.49
N ASP A 131 -0.38 30.96 -14.40
CA ASP A 131 0.01 31.49 -13.09
C ASP A 131 1.29 30.82 -12.58
N ILE A 132 1.35 29.50 -12.65
CA ILE A 132 2.41 28.74 -11.98
C ILE A 132 2.86 27.62 -12.91
N LEU A 133 4.17 27.51 -13.10
CA LEU A 133 4.76 26.38 -13.81
C LEU A 133 5.57 25.58 -12.79
N ALA A 134 5.16 24.33 -12.56
CA ALA A 134 5.91 23.42 -11.70
C ALA A 134 6.72 22.49 -12.58
N ILE A 135 8.02 22.38 -12.30
CA ILE A 135 8.89 21.42 -12.97
C ILE A 135 9.28 20.35 -11.96
N SER A 136 9.14 19.09 -12.36
CA SER A 136 9.55 17.99 -11.49
C SER A 136 11.05 17.81 -11.56
N CYS A 137 11.69 17.82 -10.40
CA CYS A 137 13.13 17.64 -10.31
C CYS A 137 13.38 16.84 -9.04
N ASP A 138 13.77 15.58 -9.19
CA ASP A 138 13.96 14.72 -8.03
C ASP A 138 15.39 14.72 -7.53
N SER A 139 16.34 15.20 -8.32
CA SER A 139 17.73 15.18 -7.92
C SER A 139 18.50 16.18 -8.76
N PHE A 140 19.56 16.72 -8.19
CA PHE A 140 20.51 17.53 -8.94
C PHE A 140 21.76 16.73 -9.29
N ASP A 141 21.72 15.42 -9.12
N ASP A 141 21.71 15.42 -9.10
CA ASP A 141 22.81 14.52 -9.46
CA ASP A 141 22.79 14.50 -9.46
C ASP A 141 22.44 13.69 -10.68
C ASP A 141 22.38 13.77 -10.73
N GLU A 142 23.28 13.73 -11.71
CA GLU A 142 22.94 13.09 -12.99
C GLU A 142 22.83 11.57 -12.86
N GLN A 143 23.69 10.95 -12.04
CA GLN A 143 23.61 9.51 -11.87
C GLN A 143 22.30 9.11 -11.19
N VAL A 144 21.83 9.90 -10.23
CA VAL A 144 20.56 9.59 -9.59
C VAL A 144 19.41 9.71 -10.57
N ASN A 145 19.40 10.76 -11.38
CA ASN A 145 18.34 10.91 -12.38
C ASN A 145 18.35 9.76 -13.37
N ALA A 146 19.53 9.21 -13.69
CA ALA A 146 19.59 8.04 -14.55
C ALA A 146 19.03 6.80 -13.87
N LEU A 147 19.31 6.63 -12.57
CA LEU A 147 18.72 5.50 -11.85
C LEU A 147 17.20 5.63 -11.80
N ILE A 148 16.69 6.85 -11.67
CA ILE A 148 15.25 7.06 -11.59
C ILE A 148 14.58 6.84 -12.94
N GLY A 149 15.19 7.34 -14.00
CA GLY A 149 14.59 7.34 -15.31
C GLY A 149 14.09 8.70 -15.79
N ARG A 150 14.58 9.80 -15.21
CA ARG A 150 14.22 11.15 -15.65
C ARG A 150 15.09 11.54 -16.84
N GLY A 151 14.61 11.21 -18.03
CA GLY A 151 15.35 11.53 -19.23
C GLY A 151 16.53 10.59 -19.47
N GLN A 152 17.25 10.86 -20.55
N GLN A 152 17.24 10.86 -20.56
CA GLN A 152 18.37 10.03 -20.96
CA GLN A 152 18.36 10.04 -20.97
C GLN A 152 19.71 10.73 -20.77
C GLN A 152 19.71 10.75 -20.79
N GLY A 153 19.74 11.81 -20.00
CA GLY A 153 20.98 12.52 -19.73
C GLY A 153 21.57 13.26 -20.91
N LYS A 154 20.80 13.48 -21.98
CA LYS A 154 21.30 14.26 -23.10
C LYS A 154 21.41 15.74 -22.72
N LYS A 155 20.38 16.30 -22.10
CA LYS A 155 20.40 17.69 -21.67
C LYS A 155 21.22 17.85 -20.40
N ASN A 156 21.87 19.01 -20.29
CA ASN A 156 22.39 19.46 -19.00
C ASN A 156 21.18 19.80 -18.15
N HIS A 157 20.85 18.93 -17.21
CA HIS A 157 19.58 19.01 -16.49
C HIS A 157 19.51 20.25 -15.60
N VAL A 158 20.57 20.51 -14.83
CA VAL A 158 20.57 21.67 -13.94
C VAL A 158 20.47 22.96 -14.75
N GLU A 159 21.17 23.02 -15.90
CA GLU A 159 21.07 24.23 -16.71
C GLU A 159 19.69 24.37 -17.34
N ASN A 160 19.08 23.27 -17.78
CA ASN A 160 17.76 23.36 -18.38
C ASN A 160 16.75 23.86 -17.36
N LEU A 161 16.87 23.42 -16.11
N LEU A 161 16.86 23.40 -16.11
CA LEU A 161 15.98 23.90 -15.05
CA LEU A 161 16.00 23.91 -15.05
C LEU A 161 16.19 25.39 -14.80
C LEU A 161 16.19 25.41 -14.88
N GLN A 162 17.45 25.84 -14.81
CA GLN A 162 17.73 27.26 -14.63
C GLN A 162 17.23 28.07 -15.82
N LYS A 163 17.34 27.51 -17.03
CA LYS A 163 16.82 28.18 -18.22
C LYS A 163 15.31 28.38 -18.13
N LEU A 164 14.58 27.33 -17.72
CA LEU A 164 13.13 27.48 -17.53
C LEU A 164 12.83 28.48 -16.43
N ARG A 165 13.61 28.45 -15.34
CA ARG A 165 13.36 29.39 -14.25
C ARG A 165 13.56 30.83 -14.71
N ARG A 166 14.58 31.07 -15.53
CA ARG A 166 14.82 32.42 -16.02
C ARG A 166 13.77 32.84 -17.04
N TRP A 167 13.26 31.91 -17.86
CA TRP A 167 12.11 32.25 -18.70
C TRP A 167 10.88 32.58 -17.86
N CYS A 168 10.66 31.86 -16.75
CA CYS A 168 9.57 32.24 -15.87
C CYS A 168 9.75 33.67 -15.34
N ARG A 169 10.99 34.05 -15.02
CA ARG A 169 11.25 35.43 -14.65
C ARG A 169 10.93 36.37 -15.81
N ASP A 170 11.47 36.07 -17.00
CA ASP A 170 11.32 36.99 -18.14
C ASP A 170 9.87 37.18 -18.52
N TYR A 171 9.07 36.12 -18.47
CA TYR A 171 7.70 36.13 -18.95
C TYR A 171 6.69 36.23 -17.81
N LYS A 172 7.17 36.44 -16.59
CA LYS A 172 6.32 36.71 -15.43
C LYS A 172 5.35 35.56 -15.14
N VAL A 173 5.92 34.39 -14.90
CA VAL A 173 5.21 33.20 -14.47
C VAL A 173 5.85 32.77 -13.15
N ALA A 174 5.03 32.37 -12.18
CA ALA A 174 5.59 31.89 -10.93
C ALA A 174 6.19 30.50 -11.11
N PHE A 175 7.36 30.29 -10.51
CA PHE A 175 8.11 29.04 -10.71
C PHE A 175 8.00 28.15 -9.47
N LYS A 176 7.71 26.87 -9.71
CA LYS A 176 7.50 25.87 -8.67
C LYS A 176 8.31 24.62 -9.02
N ILE A 177 8.76 23.89 -8.01
CA ILE A 177 9.48 22.63 -8.18
C ILE A 177 8.77 21.55 -7.39
N ASN A 178 8.66 20.36 -7.99
CA ASN A 178 8.15 19.18 -7.28
C ASN A 178 9.25 18.13 -7.23
N SER A 179 9.41 17.48 -6.07
CA SER A 179 10.39 16.41 -5.92
C SER A 179 9.74 15.19 -5.29
N VAL A 180 10.04 14.01 -5.83
CA VAL A 180 9.60 12.73 -5.28
C VAL A 180 10.75 12.16 -4.48
N ILE A 181 10.56 12.02 -3.17
CA ILE A 181 11.62 11.49 -2.31
C ILE A 181 11.50 9.98 -2.30
N ASN A 182 12.58 9.32 -2.71
CA ASN A 182 12.60 7.89 -2.97
C ASN A 182 13.94 7.33 -2.50
N ARG A 183 14.13 6.02 -2.70
CA ARG A 183 15.33 5.35 -2.24
C ARG A 183 16.61 6.03 -2.74
N PHE A 184 16.60 6.59 -3.94
CA PHE A 184 17.84 7.03 -4.55
C PHE A 184 18.21 8.48 -4.27
N ASN A 185 17.29 9.27 -3.72
CA ASN A 185 17.61 10.65 -3.36
C ASN A 185 17.35 10.94 -1.89
N VAL A 186 17.02 9.92 -1.09
CA VAL A 186 16.60 10.20 0.29
C VAL A 186 17.71 10.81 1.14
N ASP A 187 18.97 10.60 0.75
CA ASP A 187 20.11 11.17 1.48
C ASP A 187 20.62 12.47 0.88
N GLU A 188 20.01 12.93 -0.21
CA GLU A 188 20.53 14.09 -0.93
C GLU A 188 20.29 15.37 -0.14
N ASP A 189 21.24 16.29 -0.23
CA ASP A 189 21.10 17.64 0.30
C ASP A 189 20.89 18.57 -0.88
N MET A 190 19.66 19.11 -0.98
CA MET A 190 19.23 19.95 -2.09
C MET A 190 19.06 21.41 -1.68
N ASN A 191 19.45 21.77 -0.46
CA ASN A 191 19.14 23.11 0.05
C ASN A 191 19.66 24.19 -0.89
N GLU A 192 20.96 24.15 -1.22
N GLU A 192 20.95 24.14 -1.25
CA GLU A 192 21.55 25.18 -2.06
CA GLU A 192 21.53 25.20 -2.06
C GLU A 192 20.93 25.20 -3.46
C GLU A 192 20.98 25.20 -3.48
N HIS A 193 20.73 24.01 -4.05
CA HIS A 193 20.18 23.94 -5.40
C HIS A 193 18.75 24.49 -5.47
N ILE A 194 17.92 24.17 -4.48
CA ILE A 194 16.56 24.72 -4.48
C ILE A 194 16.59 26.22 -4.29
N LYS A 195 17.38 26.71 -3.32
CA LYS A 195 17.42 28.14 -3.07
C LYS A 195 17.93 28.90 -4.29
N ALA A 196 18.86 28.32 -5.04
CA ALA A 196 19.40 28.96 -6.24
C ALA A 196 18.33 29.12 -7.32
N LEU A 197 17.25 28.36 -7.25
CA LEU A 197 16.14 28.46 -8.19
C LEU A 197 15.02 29.35 -7.71
N SER A 198 15.08 29.83 -6.47
CA SER A 198 14.12 30.73 -5.85
C SER A 198 12.65 30.44 -6.20
N PRO A 199 12.16 29.23 -5.96
CA PRO A 199 10.78 28.91 -6.31
C PRO A 199 9.80 29.56 -5.33
N VAL A 200 8.56 29.71 -5.80
CA VAL A 200 7.50 30.15 -4.90
C VAL A 200 6.97 29.00 -4.06
N ARG A 201 7.24 27.77 -4.46
CA ARG A 201 6.62 26.60 -3.83
C ARG A 201 7.46 25.41 -4.23
N TRP A 202 7.81 24.57 -3.25
CA TRP A 202 8.59 23.36 -3.48
C TRP A 202 7.83 22.20 -2.85
N LYS A 203 7.16 21.42 -3.68
N LYS A 203 7.17 21.40 -3.66
CA LYS A 203 6.45 20.23 -3.22
CA LYS A 203 6.42 20.28 -3.13
C LYS A 203 7.44 19.10 -3.00
C LYS A 203 7.31 19.05 -3.02
N VAL A 204 7.34 18.45 -1.84
CA VAL A 204 8.22 17.34 -1.50
C VAL A 204 7.32 16.15 -1.19
N PHE A 205 7.22 15.21 -2.13
CA PHE A 205 6.30 14.08 -2.02
C PHE A 205 7.06 12.83 -1.58
N GLN A 206 6.51 12.10 -0.61
CA GLN A 206 7.01 10.74 -0.38
C GLN A 206 6.57 9.86 -1.55
N CYS A 207 7.47 9.02 -2.05
CA CYS A 207 7.11 8.14 -3.15
C CYS A 207 5.89 7.31 -2.74
N LEU A 208 4.88 7.28 -3.62
CA LEU A 208 3.57 6.71 -3.31
C LEU A 208 3.27 5.51 -4.22
N LEU A 209 2.78 4.43 -3.62
CA LEU A 209 2.41 3.22 -4.34
C LEU A 209 0.93 3.28 -4.72
N ILE A 210 0.64 3.03 -6.00
N ILE A 210 0.63 3.05 -6.00
CA ILE A 210 -0.73 3.02 -6.52
CA ILE A 210 -0.73 3.00 -6.50
C ILE A 210 -0.91 1.74 -7.33
C ILE A 210 -0.89 1.72 -7.32
N GLU A 211 -1.78 0.83 -6.86
CA GLU A 211 -2.03 -0.40 -7.58
C GLU A 211 -2.62 -0.10 -8.96
N GLY A 212 -2.15 -0.83 -9.97
CA GLY A 212 -2.57 -0.61 -11.33
C GLY A 212 -1.78 0.45 -12.07
N GLU A 213 -0.94 1.19 -11.35
CA GLU A 213 -0.03 2.16 -11.94
C GLU A 213 1.42 1.72 -11.73
N ASN A 214 1.85 1.62 -10.47
CA ASN A 214 3.24 1.24 -10.16
C ASN A 214 3.31 0.08 -9.17
N SER A 215 2.24 -0.69 -9.02
CA SER A 215 2.27 -1.82 -8.11
C SER A 215 1.28 -2.86 -8.58
N GLY A 216 1.66 -4.14 -8.42
CA GLY A 216 0.78 -5.24 -8.80
C GLY A 216 1.01 -5.73 -10.21
N ALA A 217 0.27 -6.79 -10.55
CA ALA A 217 0.49 -7.47 -11.83
C ALA A 217 0.00 -6.68 -13.03
N ASP A 218 -0.95 -5.77 -12.83
CA ASP A 218 -1.56 -5.05 -13.94
C ASP A 218 -1.02 -3.63 -14.04
N ALA A 219 0.28 -3.46 -13.79
CA ALA A 219 0.88 -2.14 -13.70
C ALA A 219 2.09 -2.07 -14.62
N LEU A 220 2.23 -0.92 -15.29
CA LEU A 220 3.36 -0.69 -16.18
C LEU A 220 4.66 -0.40 -15.43
N ARG A 221 4.58 -0.01 -14.16
CA ARG A 221 5.77 0.28 -13.36
C ARG A 221 5.73 -0.55 -12.09
N ALA A 222 6.88 -0.60 -11.40
CA ALA A 222 7.02 -1.32 -10.14
C ALA A 222 7.79 -0.42 -9.18
N ALA A 223 7.06 0.32 -8.34
CA ALA A 223 7.69 1.32 -7.48
C ALA A 223 8.22 0.77 -6.17
N GLU A 224 8.00 -0.52 -5.85
CA GLU A 224 8.34 -1.02 -4.52
C GLU A 224 9.79 -0.70 -4.15
N ARG A 225 10.73 -0.90 -5.08
CA ARG A 225 12.14 -0.72 -4.76
C ARG A 225 12.53 0.75 -4.57
N PHE A 226 11.63 1.68 -4.88
CA PHE A 226 11.85 3.10 -4.68
C PHE A 226 11.32 3.62 -3.35
N LEU A 227 10.56 2.82 -2.61
CA LEU A 227 9.84 3.34 -1.46
C LEU A 227 10.77 3.57 -0.26
N ILE A 228 10.37 4.53 0.58
CA ILE A 228 11.10 4.88 1.80
C ILE A 228 10.11 4.88 2.96
N SER A 229 10.65 4.69 4.17
CA SER A 229 9.79 4.73 5.33
C SER A 229 9.40 6.16 5.67
N ASN A 230 8.36 6.30 6.48
CA ASN A 230 8.00 7.63 6.96
C ASN A 230 9.16 8.27 7.72
N GLU A 231 9.88 7.47 8.52
CA GLU A 231 11.02 8.00 9.26
C GLU A 231 12.08 8.54 8.32
N GLU A 232 12.37 7.82 7.22
CA GLU A 232 13.33 8.32 6.25
C GLU A 232 12.84 9.60 5.59
N PHE A 233 11.55 9.66 5.27
CA PHE A 233 10.97 10.86 4.68
C PHE A 233 11.14 12.04 5.62
N GLU A 234 10.84 11.86 6.91
CA GLU A 234 10.98 12.93 7.89
C GLU A 234 12.43 13.41 7.98
N THR A 235 13.38 12.48 7.92
CA THR A 235 14.79 12.87 7.94
C THR A 235 15.10 13.81 6.77
N PHE A 236 14.53 13.54 5.60
CA PHE A 236 14.73 14.45 4.47
C PHE A 236 14.12 15.81 4.74
N LEU A 237 12.91 15.84 5.30
CA LEU A 237 12.27 17.12 5.62
C LEU A 237 13.12 17.92 6.61
N GLU A 238 13.63 17.27 7.65
CA GLU A 238 14.41 18.01 8.65
C GLU A 238 15.67 18.58 8.04
N ARG A 239 16.28 17.86 7.10
CA ARG A 239 17.49 18.34 6.45
C ARG A 239 17.25 19.62 5.66
N HIS A 240 16.00 19.88 5.24
CA HIS A 240 15.68 20.98 4.36
C HIS A 240 14.80 22.05 5.03
N LYS A 241 14.81 22.09 6.37
CA LYS A 241 14.02 23.08 7.12
C LYS A 241 14.33 24.51 6.70
N GLU A 242 15.56 24.79 6.27
CA GLU A 242 15.90 26.16 5.90
C GLU A 242 15.17 26.65 4.64
N VAL A 243 14.58 25.77 3.84
CA VAL A 243 13.94 26.19 2.59
C VAL A 243 12.51 26.63 2.92
N SER A 244 12.25 27.95 2.79
N SER A 244 12.26 27.93 2.78
CA SER A 244 10.98 28.51 3.24
CA SER A 244 11.00 28.53 3.24
C SER A 244 9.80 27.99 2.43
C SER A 244 9.80 28.08 2.41
N CYS A 245 10.00 27.65 1.17
CA CYS A 245 8.89 27.30 0.30
C CYS A 245 8.54 25.82 0.31
N LEU A 246 9.15 25.03 1.20
CA LEU A 246 8.93 23.60 1.22
C LEU A 246 7.51 23.27 1.69
N VAL A 247 6.81 22.43 0.91
CA VAL A 247 5.49 21.92 1.28
C VAL A 247 5.58 20.40 1.30
N PRO A 248 5.48 19.75 2.45
CA PRO A 248 5.69 18.31 2.54
C PRO A 248 4.41 17.51 2.39
N GLU A 249 4.52 16.37 1.70
CA GLU A 249 3.37 15.47 1.56
C GLU A 249 3.82 14.01 1.70
N SER A 250 3.69 13.48 2.91
CA SER A 250 3.80 12.04 3.13
C SER A 250 2.71 11.30 2.36
N ASN A 251 2.83 9.97 2.33
CA ASN A 251 1.82 9.18 1.63
C ASN A 251 0.41 9.52 2.13
N GLN A 252 0.26 9.70 3.44
CA GLN A 252 -1.05 9.94 4.02
C GLN A 252 -1.56 11.34 3.67
N LYS A 253 -0.66 12.30 3.50
CA LYS A 253 -1.08 13.64 3.11
C LYS A 253 -1.36 13.75 1.62
N MET A 254 -0.80 12.87 0.80
CA MET A 254 -0.90 13.00 -0.64
C MET A 254 -1.99 12.15 -1.27
N LYS A 255 -2.28 10.96 -0.73
CA LYS A 255 -2.97 9.94 -1.53
C LYS A 255 -4.37 10.37 -1.93
N ASP A 256 -5.16 10.89 -0.99
CA ASP A 256 -6.57 11.19 -1.22
C ASP A 256 -6.91 12.66 -1.16
N SER A 257 -5.91 13.55 -1.20
CA SER A 257 -6.12 14.98 -0.96
C SER A 257 -6.14 15.80 -2.24
N TYR A 258 -6.34 15.16 -3.39
CA TYR A 258 -6.45 15.84 -4.69
C TYR A 258 -7.76 15.46 -5.35
N LEU A 259 -8.27 16.36 -6.17
CA LEU A 259 -9.33 16.04 -7.12
C LEU A 259 -8.63 15.78 -8.45
N ILE A 260 -8.77 14.57 -8.96
CA ILE A 260 -7.96 14.10 -10.08
C ILE A 260 -8.89 13.67 -11.20
N LEU A 261 -8.83 14.38 -12.32
CA LEU A 261 -9.58 13.99 -13.51
C LEU A 261 -8.63 13.28 -14.48
N ASP A 262 -9.04 12.11 -14.96
CA ASP A 262 -8.24 11.38 -15.93
C ASP A 262 -8.52 11.88 -17.34
N GLU A 263 -8.02 11.14 -18.33
CA GLU A 263 -8.05 11.60 -19.71
C GLU A 263 -9.46 11.56 -20.30
N TYR A 264 -10.38 10.88 -19.63
CA TYR A 264 -11.79 10.86 -20.01
C TYR A 264 -12.59 11.84 -19.15
N MET A 265 -11.91 12.63 -18.32
CA MET A 265 -12.54 13.52 -17.34
C MET A 265 -13.43 12.75 -16.37
N ARG A 266 -12.92 11.61 -15.91
CA ARG A 266 -13.48 10.88 -14.78
C ARG A 266 -12.65 11.18 -13.54
N PHE A 267 -13.31 11.35 -12.39
CA PHE A 267 -12.58 11.51 -11.15
C PHE A 267 -11.97 10.19 -10.72
N LEU A 268 -10.71 10.23 -10.30
CA LEU A 268 -10.01 9.03 -9.85
C LEU A 268 -10.02 8.98 -8.33
N ASN A 269 -10.55 7.87 -7.80
CA ASN A 269 -10.70 7.64 -6.37
C ASN A 269 -9.55 6.76 -5.93
N CYS A 270 -8.74 7.25 -4.99
CA CYS A 270 -7.54 6.55 -4.53
C CYS A 270 -7.71 5.94 -3.15
N THR A 271 -8.92 5.96 -2.59
CA THR A 271 -9.08 5.48 -1.22
C THR A 271 -8.87 3.98 -1.11
N GLY A 272 -9.01 3.24 -2.21
CA GLY A 272 -8.74 1.82 -2.23
C GLY A 272 -7.35 1.44 -2.67
N GLY A 273 -6.43 2.40 -2.79
CA GLY A 273 -5.08 2.13 -3.21
C GLY A 273 -4.87 2.07 -4.72
N ARG A 274 -5.94 2.22 -5.49
CA ARG A 274 -5.91 2.23 -6.95
C ARG A 274 -6.22 3.65 -7.43
N LYS A 275 -6.45 3.79 -8.73
CA LYS A 275 -7.06 5.00 -9.29
C LYS A 275 -8.39 4.57 -9.92
N ASP A 276 -9.45 4.52 -9.10
CA ASP A 276 -10.72 3.96 -9.53
C ASP A 276 -11.56 5.06 -10.17
N PRO A 277 -11.93 4.95 -11.44
CA PRO A 277 -12.60 6.08 -12.11
C PRO A 277 -14.11 6.14 -11.85
N SER A 278 -14.61 7.37 -11.68
CA SER A 278 -16.04 7.62 -11.70
C SER A 278 -16.52 7.59 -13.14
N LYS A 279 -17.80 7.86 -13.35
CA LYS A 279 -18.25 8.19 -14.70
C LYS A 279 -17.73 9.58 -15.08
N SER A 280 -17.74 9.87 -16.37
CA SER A 280 -17.18 11.14 -16.82
C SER A 280 -18.10 12.31 -16.47
N ILE A 281 -17.50 13.43 -16.06
CA ILE A 281 -18.30 14.64 -15.89
C ILE A 281 -19.02 15.03 -17.17
N LEU A 282 -18.46 14.63 -18.32
CA LEU A 282 -19.06 14.96 -19.62
C LEU A 282 -20.33 14.17 -19.86
N ASP A 283 -20.55 13.09 -19.12
CA ASP A 283 -21.72 12.25 -19.26
C ASP A 283 -22.73 12.43 -18.14
N VAL A 284 -22.28 12.51 -16.89
CA VAL A 284 -23.18 12.57 -15.74
C VAL A 284 -23.17 13.91 -15.02
N GLY A 285 -22.26 14.81 -15.38
CA GLY A 285 -22.16 16.07 -14.70
C GLY A 285 -21.18 16.01 -13.53
N VAL A 286 -20.76 17.19 -13.08
CA VAL A 286 -19.75 17.27 -12.03
C VAL A 286 -20.29 16.75 -10.71
N GLU A 287 -21.51 17.17 -10.34
N GLU A 287 -21.52 17.15 -10.34
CA GLU A 287 -22.08 16.81 -9.04
CA GLU A 287 -22.04 16.81 -9.02
C GLU A 287 -22.17 15.31 -8.87
C GLU A 287 -22.22 15.32 -8.84
N GLU A 288 -22.67 14.62 -9.89
CA GLU A 288 -22.83 13.18 -9.80
C GLU A 288 -21.47 12.48 -9.75
N ALA A 289 -20.55 12.89 -10.63
CA ALA A 289 -19.25 12.19 -10.69
C ALA A 289 -18.42 12.42 -9.44
N ILE A 290 -18.44 13.64 -8.90
CA ILE A 290 -17.54 13.96 -7.79
C ILE A 290 -17.93 13.23 -6.52
N LYS A 291 -19.18 12.74 -6.43
CA LYS A 291 -19.57 11.93 -5.28
C LYS A 291 -18.74 10.67 -5.15
N PHE A 292 -18.10 10.24 -6.23
CA PHE A 292 -17.28 9.03 -6.23
C PHE A 292 -15.79 9.33 -6.31
N SER A 293 -15.41 10.58 -6.00
CA SER A 293 -14.01 10.96 -6.12
C SER A 293 -13.14 10.45 -4.98
N GLY A 294 -13.74 10.18 -3.81
CA GLY A 294 -12.90 9.81 -2.67
C GLY A 294 -12.08 10.95 -2.10
N PHE A 295 -12.45 12.19 -2.42
CA PHE A 295 -11.68 13.36 -2.02
C PHE A 295 -11.76 13.56 -0.51
N ASP A 296 -10.60 13.80 0.11
CA ASP A 296 -10.51 14.14 1.53
C ASP A 296 -10.23 15.64 1.61
N GLU A 297 -11.31 16.42 1.74
CA GLU A 297 -11.16 17.88 1.77
C GLU A 297 -10.38 18.33 2.99
N LYS A 298 -10.57 17.68 4.13
CA LYS A 298 -9.81 18.07 5.32
C LYS A 298 -8.31 17.92 5.08
N MET A 299 -7.91 16.82 4.42
CA MET A 299 -6.49 16.62 4.16
C MET A 299 -5.97 17.59 3.11
N PHE A 300 -6.79 17.89 2.09
CA PHE A 300 -6.43 18.92 1.12
C PHE A 300 -6.04 20.21 1.83
N LEU A 301 -6.83 20.62 2.82
CA LEU A 301 -6.50 21.84 3.56
C LEU A 301 -5.29 21.64 4.46
N LYS A 302 -5.21 20.47 5.11
CA LYS A 302 -4.11 20.21 6.04
C LYS A 302 -2.75 20.23 5.35
N ARG A 303 -2.67 19.77 4.10
CA ARG A 303 -1.42 19.77 3.38
C ARG A 303 -1.11 21.12 2.73
N GLY A 304 -1.93 22.14 2.95
CA GLY A 304 -1.66 23.43 2.36
C GLY A 304 -2.16 23.60 0.95
N GLY A 305 -3.22 22.87 0.58
CA GLY A 305 -3.70 22.92 -0.79
C GLY A 305 -4.32 24.24 -1.19
N LYS A 306 -4.73 25.06 -0.23
CA LYS A 306 -5.27 26.38 -0.53
C LYS A 306 -4.23 27.41 -0.13
N TYR A 307 -3.84 28.25 -1.09
CA TYR A 307 -2.77 29.21 -0.87
C TYR A 307 -2.94 30.33 -1.90
N VAL A 308 -2.09 31.36 -1.79
CA VAL A 308 -2.13 32.45 -2.76
C VAL A 308 -1.60 31.94 -4.09
N TRP A 309 -2.50 31.64 -5.01
CA TRP A 309 -2.17 30.88 -6.20
C TRP A 309 -2.37 31.66 -7.50
N SER A 310 -2.69 32.95 -7.41
CA SER A 310 -2.80 33.83 -8.58
C SER A 310 -1.52 34.65 -8.65
N LYS A 311 -0.82 34.60 -9.79
CA LYS A 311 0.46 35.30 -9.86
C LYS A 311 0.27 36.81 -9.73
N ALA A 312 -0.89 37.34 -10.12
CA ALA A 312 -1.13 38.76 -9.99
C ALA A 312 -1.14 39.21 -8.54
N ASP A 313 -1.37 38.28 -7.61
CA ASP A 313 -1.37 38.56 -6.18
C ASP A 313 -0.04 38.24 -5.52
N LEU A 314 0.93 37.72 -6.28
CA LEU A 314 2.27 37.46 -5.78
C LEU A 314 3.21 38.60 -6.14
N LYS A 315 4.40 38.58 -5.55
CA LYS A 315 5.46 39.53 -5.85
C LYS A 315 6.58 38.75 -6.53
N LEU A 316 6.65 38.85 -7.86
CA LEU A 316 7.64 38.10 -8.63
C LEU A 316 8.92 38.90 -8.80
N ARG B 26 -25.13 -9.85 4.04
CA ARG B 26 -25.04 -10.85 2.98
C ARG B 26 -23.78 -11.69 3.11
N THR B 27 -22.84 -11.27 3.96
CA THR B 27 -21.60 -12.01 4.17
C THR B 27 -21.78 -13.03 5.29
N THR B 28 -21.63 -14.30 4.94
CA THR B 28 -21.57 -15.38 5.92
C THR B 28 -20.12 -15.54 6.38
N PRO B 29 -19.85 -15.51 7.67
CA PRO B 29 -18.46 -15.61 8.14
C PRO B 29 -17.94 -17.05 8.16
N VAL B 30 -17.71 -17.61 6.97
CA VAL B 30 -17.39 -19.03 6.88
C VAL B 30 -16.04 -19.34 7.52
N SER B 31 -15.03 -18.51 7.22
CA SER B 31 -13.68 -18.74 7.69
C SER B 31 -13.16 -17.41 8.23
N VAL B 32 -12.86 -17.38 9.53
CA VAL B 32 -12.57 -16.14 10.23
C VAL B 32 -11.25 -16.27 10.98
N ASN B 33 -10.45 -15.20 10.94
CA ASN B 33 -9.25 -15.08 11.76
C ASN B 33 -9.54 -14.26 13.00
N TYR B 34 -9.09 -14.74 14.15
CA TYR B 34 -9.26 -14.02 15.41
C TYR B 34 -7.87 -13.75 15.97
N HIS B 35 -7.46 -12.48 15.86
CA HIS B 35 -6.17 -12.01 16.37
C HIS B 35 -6.42 -11.57 17.80
N PHE B 36 -6.42 -12.53 18.72
CA PHE B 36 -6.90 -12.23 20.07
C PHE B 36 -5.91 -11.45 20.93
N THR B 37 -4.64 -11.40 20.54
CA THR B 37 -3.66 -10.58 21.23
C THR B 37 -2.78 -9.92 20.18
N ARG B 38 -2.30 -8.72 20.51
CA ARG B 38 -1.30 -8.05 19.68
C ARG B 38 0.10 -8.14 20.28
N GLN B 39 0.26 -8.84 21.40
CA GLN B 39 1.59 -9.01 21.95
C GLN B 39 2.38 -9.98 21.08
N CYS B 40 3.69 -9.74 20.97
CA CYS B 40 4.53 -10.71 20.30
C CYS B 40 5.91 -10.72 20.97
N ASN B 41 6.60 -11.85 20.84
CA ASN B 41 7.95 -11.98 21.34
C ASN B 41 9.03 -11.88 20.25
N TYR B 42 8.63 -11.73 18.99
CA TYR B 42 9.51 -11.55 17.85
C TYR B 42 9.45 -10.09 17.39
N LYS B 43 10.27 -9.75 16.38
CA LYS B 43 10.44 -8.37 15.94
C LYS B 43 10.50 -8.26 14.43
N CYS B 44 9.73 -9.09 13.72
CA CYS B 44 9.77 -9.08 12.26
C CYS B 44 9.58 -7.67 11.71
N GLY B 45 10.53 -7.25 10.87
CA GLY B 45 10.57 -5.85 10.46
C GLY B 45 9.38 -5.42 9.61
N PHE B 46 8.72 -6.37 8.94
CA PHE B 46 7.58 -6.06 8.10
C PHE B 46 6.23 -6.30 8.78
N CYS B 47 6.22 -6.67 10.07
CA CYS B 47 4.99 -7.15 10.71
C CYS B 47 3.81 -6.23 10.43
N PHE B 48 2.72 -6.81 9.93
CA PHE B 48 1.52 -6.03 9.64
C PHE B 48 0.44 -6.14 10.71
N HIS B 49 0.76 -6.73 11.86
CA HIS B 49 -0.22 -6.82 12.93
C HIS B 49 0.50 -6.62 14.26
N THR B 50 0.73 -5.35 14.59
CA THR B 50 1.74 -4.95 15.55
C THR B 50 1.17 -4.78 16.96
N ALA B 51 2.08 -4.54 17.91
CA ALA B 51 1.75 -4.55 19.34
C ALA B 51 1.17 -3.20 19.80
N LYS B 52 0.01 -2.86 19.23
CA LYS B 52 -0.57 -1.55 19.46
C LYS B 52 -1.36 -1.45 20.76
N THR B 53 -1.81 -2.59 21.31
CA THR B 53 -2.50 -2.60 22.59
C THR B 53 -2.08 -3.85 23.35
N SER B 54 -2.37 -3.84 24.64
CA SER B 54 -2.26 -5.02 25.49
C SER B 54 -3.63 -5.55 25.89
N PHE B 55 -4.66 -5.24 25.14
CA PHE B 55 -5.99 -5.75 25.44
C PHE B 55 -6.18 -7.16 24.90
N VAL B 56 -6.73 -8.03 25.74
CA VAL B 56 -7.16 -9.37 25.35
C VAL B 56 -8.49 -9.61 26.04
N LEU B 57 -9.46 -10.15 25.31
CA LEU B 57 -10.77 -10.38 25.93
C LEU B 57 -10.64 -11.41 27.04
N PRO B 58 -11.44 -11.27 28.11
CA PRO B 58 -11.61 -12.40 29.03
C PRO B 58 -12.01 -13.65 28.26
N LEU B 59 -11.51 -14.80 28.70
CA LEU B 59 -11.77 -16.05 27.99
C LEU B 59 -13.26 -16.26 27.74
N GLU B 60 -14.10 -15.96 28.74
CA GLU B 60 -15.53 -16.21 28.56
C GLU B 60 -16.16 -15.29 27.52
N GLU B 61 -15.64 -14.07 27.35
N GLU B 61 -15.63 -14.08 27.35
CA GLU B 61 -16.18 -13.20 26.31
CA GLU B 61 -16.17 -13.18 26.33
C GLU B 61 -15.73 -13.65 24.94
C GLU B 61 -15.71 -13.57 24.94
N ALA B 62 -14.47 -14.09 24.81
CA ALA B 62 -14.04 -14.66 23.54
C ALA B 62 -14.91 -15.84 23.16
N LYS B 63 -15.25 -16.71 24.14
CA LYS B 63 -16.13 -17.83 23.85
C LYS B 63 -17.51 -17.37 23.41
N ARG B 64 -18.02 -16.31 24.04
CA ARG B 64 -19.32 -15.77 23.62
C ARG B 64 -19.27 -15.29 22.16
N GLY B 65 -18.22 -14.58 21.80
CA GLY B 65 -18.10 -14.14 20.41
C GLY B 65 -17.95 -15.29 19.43
N LEU B 66 -17.19 -16.32 19.82
CA LEU B 66 -17.03 -17.47 18.95
C LEU B 66 -18.36 -18.19 18.73
N LEU B 67 -19.20 -18.26 19.77
CA LEU B 67 -20.52 -18.85 19.61
C LEU B 67 -21.39 -18.00 18.68
N LEU B 68 -21.33 -16.67 18.82
CA LEU B 68 -22.04 -15.80 17.89
C LEU B 68 -21.62 -16.07 16.45
N LEU B 69 -20.31 -16.21 16.22
CA LEU B 69 -19.84 -16.50 14.87
C LEU B 69 -20.38 -17.84 14.38
N LYS B 70 -20.35 -18.86 15.24
CA LYS B 70 -20.87 -20.17 14.86
C LYS B 70 -22.33 -20.07 14.45
N GLN B 71 -23.13 -19.32 15.22
N GLN B 71 -23.13 -19.34 15.22
CA GLN B 71 -24.55 -19.17 14.91
CA GLN B 71 -24.55 -19.21 14.87
C GLN B 71 -24.79 -18.38 13.64
C GLN B 71 -24.76 -18.45 13.57
N ALA B 72 -23.79 -17.64 13.16
CA ALA B 72 -23.87 -16.91 11.91
C ALA B 72 -23.31 -17.69 10.73
N GLY B 73 -22.75 -18.88 10.97
CA GLY B 73 -22.27 -19.71 9.88
C GLY B 73 -20.78 -20.02 9.88
N LEU B 74 -20.07 -19.70 10.97
CA LEU B 74 -18.64 -19.99 11.03
C LEU B 74 -18.39 -21.48 10.88
N GLU B 75 -17.43 -21.83 10.02
CA GLU B 75 -16.98 -23.21 9.87
C GLU B 75 -15.52 -23.41 10.17
N LYS B 76 -14.67 -22.42 9.90
CA LYS B 76 -13.24 -22.50 10.22
C LYS B 76 -12.84 -21.27 11.01
N ILE B 77 -12.17 -21.48 12.14
CA ILE B 77 -11.60 -20.41 12.95
C ILE B 77 -10.08 -20.58 12.91
N ASN B 78 -9.37 -19.48 12.65
CA ASN B 78 -7.91 -19.46 12.74
C ASN B 78 -7.51 -18.46 13.81
N PHE B 79 -6.74 -18.92 14.79
CA PHE B 79 -6.25 -18.04 15.84
C PHE B 79 -4.90 -17.46 15.44
N SER B 80 -4.76 -16.14 15.60
CA SER B 80 -3.60 -15.40 15.12
C SER B 80 -3.30 -14.31 16.16
N GLY B 81 -2.48 -13.35 15.76
CA GLY B 81 -2.11 -12.23 16.61
C GLY B 81 -1.22 -11.28 15.83
N GLY B 82 -0.14 -10.74 16.41
CA GLY B 82 0.39 -11.16 17.71
C GLY B 82 0.85 -12.60 17.68
N GLU B 83 1.43 -13.05 18.79
CA GLU B 83 1.78 -14.46 18.93
C GLU B 83 0.76 -15.14 19.81
N PRO B 84 -0.10 -16.00 19.28
CA PRO B 84 -1.24 -16.49 20.08
C PRO B 84 -0.85 -17.36 21.25
N PHE B 85 0.30 -18.02 21.20
CA PHE B 85 0.74 -18.83 22.33
C PHE B 85 1.19 -18.01 23.54
N LEU B 86 1.32 -16.68 23.41
CA LEU B 86 1.77 -15.88 24.55
C LEU B 86 0.74 -15.83 25.67
N GLN B 87 -0.54 -15.84 25.36
CA GLN B 87 -1.53 -15.49 26.36
C GLN B 87 -1.70 -16.61 27.39
N ASP B 88 -1.54 -16.27 28.66
CA ASP B 88 -1.67 -17.24 29.76
C ASP B 88 -0.85 -18.50 29.49
N ARG B 89 0.37 -18.30 28.98
CA ARG B 89 1.35 -19.39 28.81
C ARG B 89 0.84 -20.47 27.86
N GLY B 90 0.01 -20.08 26.90
CA GLY B 90 -0.53 -20.98 25.91
C GLY B 90 -1.88 -21.58 26.27
N GLU B 91 -2.33 -21.43 27.51
CA GLU B 91 -3.54 -22.08 27.96
C GLU B 91 -4.80 -21.39 27.46
N TYR B 92 -4.73 -20.07 27.25
CA TYR B 92 -5.87 -19.35 26.67
C TYR B 92 -6.17 -19.88 25.28
N LEU B 93 -5.15 -19.99 24.44
CA LEU B 93 -5.30 -20.56 23.11
C LEU B 93 -5.80 -22.00 23.16
N GLY B 94 -5.22 -22.82 24.04
CA GLY B 94 -5.68 -24.20 24.13
C GLY B 94 -7.14 -24.30 24.50
N LYS B 95 -7.57 -23.48 25.47
CA LYS B 95 -8.97 -23.52 25.89
C LYS B 95 -9.91 -23.07 24.78
N LEU B 96 -9.51 -22.09 23.98
CA LEU B 96 -10.36 -21.69 22.85
C LEU B 96 -10.37 -22.75 21.75
N VAL B 97 -9.24 -23.40 21.50
CA VAL B 97 -9.19 -24.49 20.53
C VAL B 97 -10.14 -25.62 20.95
N ARG B 98 -10.05 -26.04 22.20
N ARG B 98 -10.07 -26.02 22.22
CA ARG B 98 -10.95 -27.09 22.70
CA ARG B 98 -10.95 -27.09 22.71
C ARG B 98 -12.40 -26.64 22.64
C ARG B 98 -12.40 -26.65 22.70
N PHE B 99 -12.68 -25.39 23.03
CA PHE B 99 -14.05 -24.89 22.99
C PHE B 99 -14.61 -24.98 21.58
N CYS B 100 -13.84 -24.53 20.60
CA CYS B 100 -14.35 -24.48 19.23
C CYS B 100 -14.53 -25.88 18.65
N LYS B 101 -13.63 -26.81 18.97
CA LYS B 101 -13.77 -28.14 18.39
C LYS B 101 -14.83 -28.94 19.11
N GLU B 102 -14.82 -28.91 20.44
CA GLU B 102 -15.67 -29.79 21.22
C GLU B 102 -17.04 -29.20 21.50
N GLU B 103 -17.09 -27.94 21.92
N GLU B 103 -17.11 -27.93 21.89
CA GLU B 103 -18.38 -27.34 22.24
CA GLU B 103 -18.38 -27.32 22.26
C GLU B 103 -19.12 -26.91 20.97
C GLU B 103 -19.13 -26.70 21.08
N LEU B 104 -18.42 -26.24 20.06
CA LEU B 104 -19.05 -25.75 18.83
C LEU B 104 -19.03 -26.76 17.69
N ALA B 105 -18.20 -27.80 17.78
CA ALA B 105 -18.06 -28.78 16.70
C ALA B 105 -17.74 -28.12 15.35
N LEU B 106 -16.85 -27.13 15.36
CA LEU B 106 -16.50 -26.49 14.10
C LEU B 106 -15.78 -27.47 13.19
N PRO B 107 -16.05 -27.44 11.90
CA PRO B 107 -15.26 -28.27 10.96
C PRO B 107 -13.76 -28.06 11.04
N SER B 108 -13.29 -26.83 11.27
CA SER B 108 -11.86 -26.59 11.24
C SER B 108 -11.45 -25.60 12.30
N VAL B 109 -10.44 -25.98 13.08
CA VAL B 109 -9.80 -25.10 14.05
C VAL B 109 -8.31 -25.09 13.73
N SER B 110 -7.77 -23.90 13.47
CA SER B 110 -6.37 -23.77 13.07
C SER B 110 -5.70 -22.64 13.82
N ILE B 111 -4.37 -22.62 13.75
CA ILE B 111 -3.55 -21.59 14.38
C ILE B 111 -2.48 -21.18 13.37
N VAL B 112 -2.10 -19.91 13.42
N VAL B 112 -2.09 -19.90 13.42
CA VAL B 112 -0.86 -19.46 12.80
CA VAL B 112 -0.87 -19.43 12.79
C VAL B 112 0.02 -18.89 13.90
C VAL B 112 0.02 -18.87 13.90
N SER B 113 1.25 -19.38 13.99
CA SER B 113 2.14 -19.05 15.11
C SER B 113 3.58 -18.97 14.63
N ASN B 114 4.38 -18.20 15.36
CA ASN B 114 5.83 -18.21 15.10
C ASN B 114 6.50 -19.46 15.66
N GLY B 115 5.80 -20.27 16.44
CA GLY B 115 6.27 -21.56 16.88
C GLY B 115 7.23 -21.54 18.06
N SER B 116 7.72 -20.36 18.47
CA SER B 116 8.83 -20.30 19.43
C SER B 116 8.42 -20.74 20.83
N LEU B 117 7.15 -20.62 21.19
CA LEU B 117 6.68 -20.86 22.55
C LEU B 117 5.94 -22.17 22.72
N ILE B 118 5.78 -22.95 21.65
CA ILE B 118 4.95 -24.13 21.72
C ILE B 118 5.71 -25.24 22.45
N ARG B 119 5.11 -25.76 23.51
N ARG B 119 5.10 -25.78 23.49
CA ARG B 119 5.70 -26.86 24.27
CA ARG B 119 5.69 -26.86 24.25
C ARG B 119 4.97 -28.16 23.94
C ARG B 119 4.96 -28.17 23.95
N GLU B 120 5.66 -29.28 24.14
CA GLU B 120 5.04 -30.58 23.91
C GLU B 120 3.79 -30.76 24.77
N ARG B 121 3.78 -30.19 25.97
CA ARG B 121 2.61 -30.32 26.83
C ARG B 121 1.36 -29.74 26.17
N TRP B 122 1.51 -28.68 25.37
CA TRP B 122 0.35 -28.15 24.68
C TRP B 122 -0.23 -29.17 23.72
N PHE B 123 0.63 -29.89 23.00
CA PHE B 123 0.14 -30.97 22.14
C PHE B 123 -0.56 -32.04 22.96
N LYS B 124 0.04 -32.43 24.09
CA LYS B 124 -0.55 -33.47 24.92
C LYS B 124 -1.93 -33.06 25.42
N ASP B 125 -2.10 -31.80 25.79
CA ASP B 125 -3.35 -31.36 26.39
C ASP B 125 -4.38 -30.92 25.36
N TYR B 126 -3.94 -30.35 24.23
CA TYR B 126 -4.86 -29.72 23.29
C TYR B 126 -4.74 -30.21 21.85
N GLY B 127 -3.70 -30.98 21.53
CA GLY B 127 -3.45 -31.31 20.13
C GLY B 127 -4.57 -32.10 19.48
N GLU B 128 -5.26 -32.93 20.24
CA GLU B 128 -6.32 -33.73 19.65
C GLU B 128 -7.41 -32.87 19.01
N TYR B 129 -7.64 -31.67 19.55
CA TYR B 129 -8.71 -30.81 19.04
C TYR B 129 -8.29 -29.97 17.84
N LEU B 130 -6.99 -29.77 17.62
CA LEU B 130 -6.51 -28.83 16.62
C LEU B 130 -6.44 -29.50 15.25
N ASP B 131 -7.03 -28.86 14.24
CA ASP B 131 -6.94 -29.42 12.90
C ASP B 131 -5.61 -29.12 12.24
N ILE B 132 -5.20 -27.85 12.25
CA ILE B 132 -4.06 -27.39 11.47
C ILE B 132 -3.21 -26.45 12.31
N LEU B 133 -1.90 -26.70 12.37
CA LEU B 133 -0.94 -25.78 12.97
C LEU B 133 -0.09 -25.20 11.84
N ALA B 134 -0.19 -23.90 11.62
CA ALA B 134 0.67 -23.22 10.67
C ALA B 134 1.80 -22.54 11.42
N ILE B 135 3.03 -22.80 11.00
CA ILE B 135 4.20 -22.12 11.57
C ILE B 135 4.79 -21.21 10.51
N SER B 136 5.05 -19.97 10.88
CA SER B 136 5.65 -19.02 9.95
C SER B 136 7.15 -19.23 9.87
N CYS B 137 7.64 -19.43 8.66
N CYS B 137 7.64 -19.40 8.65
CA CYS B 137 9.08 -19.48 8.45
CA CYS B 137 9.06 -19.58 8.38
C CYS B 137 9.36 -18.89 7.08
C CYS B 137 9.35 -18.90 7.05
N ASP B 138 10.07 -17.77 7.08
CA ASP B 138 10.33 -17.04 5.85
C ASP B 138 11.64 -17.45 5.18
N SER B 139 12.51 -18.17 5.87
CA SER B 139 13.80 -18.52 5.29
C SER B 139 14.37 -19.70 6.04
N PHE B 140 15.17 -20.49 5.32
CA PHE B 140 15.92 -21.57 5.94
C PHE B 140 17.37 -21.17 6.19
N ASP B 141 17.68 -19.90 5.96
CA ASP B 141 18.98 -19.31 6.25
C ASP B 141 18.81 -18.49 7.53
N GLU B 142 19.51 -18.89 8.59
CA GLU B 142 19.33 -18.21 9.87
C GLU B 142 19.84 -16.77 9.85
N GLN B 143 20.79 -16.44 8.98
CA GLN B 143 21.19 -15.05 8.84
C GLN B 143 20.05 -14.19 8.30
N VAL B 144 19.31 -14.70 7.32
CA VAL B 144 18.15 -13.99 6.80
C VAL B 144 17.10 -13.83 7.88
N ASN B 145 16.85 -14.87 8.66
CA ASN B 145 15.87 -14.75 9.74
C ASN B 145 16.30 -13.72 10.77
N ALA B 146 17.60 -13.58 11.00
CA ALA B 146 18.08 -12.56 11.93
C ALA B 146 17.88 -11.16 11.34
N LEU B 147 18.19 -10.97 10.06
CA LEU B 147 17.90 -9.70 9.41
C LEU B 147 16.42 -9.35 9.51
N ILE B 148 15.55 -10.33 9.26
CA ILE B 148 14.11 -10.07 9.27
C ILE B 148 13.64 -9.68 10.67
N GLY B 149 14.20 -10.28 11.71
CA GLY B 149 13.70 -10.14 13.05
C GLY B 149 12.88 -11.32 13.54
N ARG B 150 12.91 -12.44 12.81
CA ARG B 150 12.13 -13.62 13.17
C ARG B 150 12.99 -14.45 14.13
N GLY B 151 12.97 -14.05 15.40
N GLY B 151 13.05 -13.98 15.37
CA GLY B 151 13.71 -14.79 16.39
CA GLY B 151 13.93 -14.55 16.38
C GLY B 151 13.81 -14.03 17.69
C GLY B 151 15.27 -13.84 16.45
N GLN B 152 14.55 -14.62 18.63
N GLN B 152 16.05 -14.22 17.46
CA GLN B 152 14.79 -14.02 19.93
CA GLN B 152 17.37 -13.65 17.68
C GLN B 152 16.26 -13.71 20.19
C GLN B 152 18.49 -14.60 17.27
N GLY B 153 17.15 -14.06 19.27
N GLY B 153 18.16 -15.75 16.67
CA GLY B 153 18.58 -13.85 19.46
CA GLY B 153 19.18 -16.69 16.26
C GLY B 153 19.40 -15.12 19.58
C GLY B 153 19.80 -17.50 17.38
N LYS B 154 18.76 -16.29 19.58
N LYS B 154 19.26 -17.39 18.60
CA LYS B 154 19.46 -17.56 19.68
CA LYS B 154 19.81 -18.16 19.72
C LYS B 154 19.61 -18.26 18.33
C LYS B 154 19.56 -19.65 19.52
N LYS B 155 19.09 -17.68 17.25
N LYS B 155 18.34 -20.02 19.15
CA LYS B 155 19.20 -18.24 15.91
CA LYS B 155 17.97 -21.42 18.96
C LYS B 155 18.65 -19.67 15.86
C LYS B 155 17.96 -21.77 17.47
N ASN B 156 17.56 -19.91 16.57
N ASN B 156 18.44 -22.97 17.16
CA ASN B 156 16.98 -21.24 16.69
CA ASN B 156 18.42 -23.51 15.80
C ASN B 156 15.57 -21.33 16.13
C ASN B 156 16.99 -23.57 15.30
N HIS B 157 15.13 -20.35 15.34
N HIS B 157 16.64 -22.70 14.34
CA HIS B 157 13.77 -20.38 14.82
CA HIS B 157 15.24 -22.55 13.93
C HIS B 157 13.57 -21.55 13.86
C HIS B 157 14.78 -23.68 13.03
N VAL B 158 14.52 -21.77 12.95
N VAL B 158 15.64 -24.15 12.12
CA VAL B 158 14.36 -22.80 11.93
CA VAL B 158 15.25 -25.30 11.30
C VAL B 158 14.43 -24.19 12.54
C VAL B 158 15.08 -26.54 12.16
N GLU B 159 15.37 -24.41 13.47
N GLU B 159 15.87 -26.66 13.24
CA GLU B 159 15.49 -25.73 14.09
CA GLU B 159 15.64 -27.72 14.20
C GLU B 159 14.25 -26.07 14.90
C GLU B 159 14.31 -27.55 14.92
N ASN B 160 13.55 -25.05 15.42
N ASN B 160 13.96 -26.31 15.29
CA ASN B 160 12.28 -25.28 16.10
CA ASN B 160 12.70 -26.06 15.98
C ASN B 160 11.23 -25.86 15.17
C ASN B 160 11.52 -26.38 15.06
N LEU B 161 11.46 -25.81 13.86
N LEU B 161 11.58 -25.90 13.82
CA LEU B 161 10.44 -26.21 12.89
CA LEU B 161 10.52 -26.18 12.85
C LEU B 161 10.35 -27.72 12.73
C LEU B 161 10.37 -27.68 12.63
N GLN B 162 11.49 -28.40 12.58
CA GLN B 162 11.45 -29.84 12.44
C GLN B 162 10.88 -30.50 13.69
N LYS B 163 11.18 -29.92 14.86
CA LYS B 163 10.63 -30.42 16.12
C LYS B 163 9.11 -30.30 16.13
N LEU B 164 8.59 -29.12 15.80
CA LEU B 164 7.15 -28.94 15.76
C LEU B 164 6.51 -29.85 14.71
N ARG B 165 7.17 -30.01 13.56
CA ARG B 165 6.65 -30.89 12.52
C ARG B 165 6.56 -32.33 13.02
N ARG B 166 7.59 -32.77 13.78
CA ARG B 166 7.54 -34.10 14.36
C ARG B 166 6.40 -34.24 15.36
N TRP B 167 6.17 -33.21 16.18
CA TRP B 167 5.06 -33.27 17.13
C TRP B 167 3.72 -33.32 16.40
N CYS B 168 3.59 -32.62 15.27
CA CYS B 168 2.38 -32.73 14.48
C CYS B 168 2.15 -34.15 13.99
N ARG B 169 3.23 -34.85 13.59
CA ARG B 169 3.11 -36.26 13.24
C ARG B 169 2.72 -37.09 14.46
N ASP B 170 3.43 -36.88 15.58
CA ASP B 170 3.24 -37.67 16.78
C ASP B 170 1.81 -37.54 17.32
N TYR B 171 1.26 -36.33 17.27
CA TYR B 171 -0.03 -36.05 17.86
C TYR B 171 -1.15 -35.95 16.84
N LYS B 172 -0.86 -36.22 15.57
CA LYS B 172 -1.87 -36.24 14.50
C LYS B 172 -2.56 -34.88 14.37
N VAL B 173 -1.74 -33.88 14.06
CA VAL B 173 -2.18 -32.53 13.71
C VAL B 173 -1.63 -32.23 12.31
N ALA B 174 -2.44 -31.63 11.45
CA ALA B 174 -1.95 -31.27 10.13
C ALA B 174 -0.99 -30.09 10.23
N PHE B 175 0.12 -30.17 9.50
CA PHE B 175 1.19 -29.20 9.57
C PHE B 175 1.18 -28.31 8.33
N LYS B 176 1.29 -27.01 8.56
CA LYS B 176 1.22 -26.00 7.52
C LYS B 176 2.35 -25.00 7.75
N ILE B 177 2.88 -24.41 6.67
CA ILE B 177 3.95 -23.42 6.77
C ILE B 177 3.50 -22.17 6.03
N ASN B 178 3.79 -21.00 6.61
CA ASN B 178 3.53 -19.72 5.97
C ASN B 178 4.85 -19.00 5.75
N SER B 179 5.04 -18.42 4.57
CA SER B 179 6.25 -17.64 4.28
C SER B 179 5.89 -16.28 3.69
N VAL B 180 6.56 -15.24 4.19
CA VAL B 180 6.44 -13.89 3.65
C VAL B 180 7.59 -13.66 2.70
N ILE B 181 7.30 -13.45 1.43
CA ILE B 181 8.33 -13.21 0.43
C ILE B 181 8.65 -11.72 0.40
N ASN B 182 9.91 -11.40 0.62
CA ASN B 182 10.34 -10.03 0.87
C ASN B 182 11.73 -9.86 0.26
N ARG B 183 12.28 -8.65 0.43
CA ARG B 183 13.57 -8.33 -0.18
C ARG B 183 14.64 -9.34 0.17
N PHE B 184 14.60 -9.91 1.38
CA PHE B 184 15.74 -10.67 1.87
C PHE B 184 15.67 -12.16 1.56
N ASN B 185 14.53 -12.66 1.05
CA ASN B 185 14.42 -14.06 0.66
C ASN B 185 13.88 -14.25 -0.75
N VAL B 186 13.75 -13.16 -1.52
CA VAL B 186 13.12 -13.26 -2.83
C VAL B 186 13.91 -14.14 -3.80
N ASP B 187 15.22 -14.29 -3.58
CA ASP B 187 16.05 -15.12 -4.42
C ASP B 187 16.27 -16.51 -3.85
N GLU B 188 15.65 -16.83 -2.71
CA GLU B 188 15.92 -18.09 -2.03
C GLU B 188 15.25 -19.25 -2.76
N ASP B 189 15.91 -20.41 -2.74
CA ASP B 189 15.35 -21.65 -3.25
C ASP B 189 15.04 -22.52 -2.03
N MET B 190 13.75 -22.68 -1.76
CA MET B 190 13.25 -23.42 -0.59
C MET B 190 12.65 -24.76 -0.97
N ASN B 191 12.78 -25.19 -2.23
CA ASN B 191 12.08 -26.38 -2.69
C ASN B 191 12.38 -27.59 -1.81
N GLU B 192 13.65 -27.92 -1.63
N GLU B 192 13.65 -27.91 -1.64
CA GLU B 192 13.99 -29.12 -0.87
CA GLU B 192 14.03 -29.09 -0.88
C GLU B 192 13.60 -29.00 0.59
C GLU B 192 13.60 -29.00 0.58
N HIS B 193 13.78 -27.82 1.18
CA HIS B 193 13.44 -27.66 2.60
C HIS B 193 11.95 -27.79 2.84
N ILE B 194 11.12 -27.19 1.99
CA ILE B 194 9.68 -27.31 2.16
C ILE B 194 9.23 -28.75 1.96
N LYS B 195 9.73 -29.39 0.90
CA LYS B 195 9.31 -30.77 0.63
C LYS B 195 9.73 -31.71 1.75
N ALA B 196 10.87 -31.45 2.39
CA ALA B 196 11.31 -32.30 3.49
C ALA B 196 10.36 -32.21 4.68
N LEU B 197 9.70 -31.08 4.86
CA LEU B 197 8.75 -30.90 5.95
C LEU B 197 7.36 -31.43 5.61
N SER B 198 7.12 -31.78 4.35
CA SER B 198 5.85 -32.32 3.86
C SER B 198 4.60 -31.67 4.47
N PRO B 199 4.46 -30.35 4.36
CA PRO B 199 3.25 -29.71 4.88
C PRO B 199 2.04 -30.05 4.03
N VAL B 200 0.86 -29.89 4.62
CA VAL B 200 -0.37 -30.03 3.88
C VAL B 200 -0.70 -28.78 3.08
N ARG B 201 -0.05 -27.67 3.39
CA ARG B 201 -0.38 -26.38 2.81
C ARG B 201 0.81 -25.46 3.10
N TRP B 202 1.26 -24.73 2.07
CA TRP B 202 2.36 -23.78 2.21
C TRP B 202 1.86 -22.46 1.63
N LYS B 203 1.52 -21.52 2.53
N LYS B 203 1.55 -21.51 2.50
CA LYS B 203 1.11 -20.19 2.13
CA LYS B 203 1.05 -20.22 2.03
C LYS B 203 2.36 -19.37 1.77
C LYS B 203 2.22 -19.27 1.83
N VAL B 204 2.32 -18.71 0.63
CA VAL B 204 3.43 -17.89 0.17
C VAL B 204 2.84 -16.49 -0.07
N PHE B 205 3.11 -15.56 0.86
CA PHE B 205 2.52 -14.23 0.83
C PHE B 205 3.54 -13.24 0.28
N GLN B 206 3.12 -12.38 -0.63
CA GLN B 206 3.93 -11.20 -0.94
C GLN B 206 3.88 -10.25 0.25
N CYS B 207 5.03 -9.70 0.62
CA CYS B 207 5.05 -8.75 1.74
C CYS B 207 4.06 -7.62 1.47
N LEU B 208 3.22 -7.31 2.46
CA LEU B 208 2.09 -6.41 2.29
C LEU B 208 2.23 -5.19 3.21
N LEU B 209 1.99 -4.01 2.65
CA LEU B 209 2.05 -2.74 3.40
C LEU B 209 0.67 -2.41 3.94
N ILE B 210 0.59 -2.13 5.24
N ILE B 210 0.60 -2.12 5.24
CA ILE B 210 -0.65 -1.71 5.87
CA ILE B 210 -0.64 -1.72 5.90
C ILE B 210 -0.38 -0.46 6.71
C ILE B 210 -0.36 -0.46 6.71
N GLU B 211 -1.02 0.64 6.35
CA GLU B 211 -0.84 1.90 7.05
C GLU B 211 -1.31 1.76 8.49
N GLY B 212 -0.55 2.32 9.43
CA GLY B 212 -0.87 2.21 10.84
C GLY B 212 -0.33 0.95 11.49
N GLU B 213 0.19 0.02 10.70
CA GLU B 213 0.86 -1.17 11.20
C GLU B 213 2.34 -1.15 10.82
N ASN B 214 2.64 -1.14 9.52
CA ASN B 214 4.02 -1.15 9.05
C ASN B 214 4.31 -0.05 8.03
N SER B 215 3.50 1.01 8.02
CA SER B 215 3.72 2.09 7.06
C SER B 215 3.12 3.37 7.62
N GLY B 216 3.83 4.48 7.42
CA GLY B 216 3.34 5.77 7.86
C GLY B 216 3.86 6.15 9.23
N ALA B 217 3.48 7.36 9.65
CA ALA B 217 4.00 7.96 10.88
C ALA B 217 3.45 7.31 12.14
N ASP B 218 2.28 6.68 12.07
CA ASP B 218 1.62 6.14 13.26
C ASP B 218 1.74 4.63 13.30
N ALA B 219 2.91 4.10 12.92
CA ALA B 219 3.11 2.66 12.79
C ALA B 219 4.34 2.24 13.56
N LEU B 220 4.26 1.07 14.20
CA LEU B 220 5.38 0.54 14.97
C LEU B 220 6.46 -0.06 14.09
N ARG B 221 6.14 -0.39 12.84
CA ARG B 221 7.08 -0.99 11.92
C ARG B 221 7.15 -0.16 10.64
N ALA B 222 8.16 -0.43 9.82
CA ALA B 222 8.37 0.27 8.56
C ALA B 222 8.76 -0.79 7.52
N ALA B 223 7.76 -1.28 6.79
CA ALA B 223 7.98 -2.40 5.89
C ALA B 223 8.47 -2.03 4.50
N GLU B 224 8.57 -0.73 4.18
CA GLU B 224 8.91 -0.34 2.82
C GLU B 224 10.16 -1.04 2.30
N ARG B 225 11.22 -1.10 3.10
CA ARG B 225 12.48 -1.66 2.63
C ARG B 225 12.42 -3.17 2.40
N PHE B 226 11.33 -3.82 2.82
CA PHE B 226 11.15 -5.25 2.61
C PHE B 226 10.33 -5.57 1.37
N LEU B 227 9.70 -4.59 0.73
CA LEU B 227 8.76 -4.89 -0.32
C LEU B 227 9.46 -5.34 -1.61
N ILE B 228 8.72 -6.13 -2.39
CA ILE B 228 9.16 -6.63 -3.68
C ILE B 228 8.08 -6.34 -4.71
N SER B 229 8.50 -6.29 -5.97
CA SER B 229 7.53 -6.07 -7.04
C SER B 229 6.72 -7.33 -7.32
N ASN B 230 5.60 -7.16 -8.00
CA ASN B 230 4.84 -8.34 -8.40
C ASN B 230 5.67 -9.24 -9.30
N GLU B 231 6.49 -8.65 -10.17
CA GLU B 231 7.35 -9.45 -11.05
C GLU B 231 8.31 -10.30 -10.24
N GLU B 232 8.91 -9.73 -9.19
CA GLU B 232 9.80 -10.49 -8.32
C GLU B 232 9.05 -11.59 -7.59
N PHE B 233 7.85 -11.30 -7.10
CA PHE B 233 7.04 -12.31 -6.44
C PHE B 233 6.76 -13.48 -7.38
N GLU B 234 6.37 -13.17 -8.62
CA GLU B 234 6.10 -14.22 -9.61
C GLU B 234 7.34 -15.06 -9.88
N THR B 235 8.51 -14.43 -9.91
CA THR B 235 9.75 -15.19 -10.09
C THR B 235 9.93 -16.20 -8.96
N PHE B 236 9.59 -15.82 -7.74
CA PHE B 236 9.67 -16.77 -6.63
C PHE B 236 8.69 -17.91 -6.82
N LEU B 237 7.44 -17.61 -7.23
CA LEU B 237 6.45 -18.65 -7.46
C LEU B 237 6.91 -19.63 -8.53
N GLU B 238 7.45 -19.13 -9.64
CA GLU B 238 7.86 -20.03 -10.70
C GLU B 238 9.01 -20.94 -10.24
N ARG B 239 9.89 -20.41 -9.39
CA ARG B 239 10.99 -21.22 -8.88
C ARG B 239 10.50 -22.39 -8.04
N HIS B 240 9.30 -22.29 -7.46
CA HIS B 240 8.78 -23.29 -6.54
C HIS B 240 7.58 -24.05 -7.10
N LYS B 241 7.44 -24.10 -8.43
CA LYS B 241 6.33 -24.82 -9.06
C LYS B 241 6.26 -26.28 -8.63
N GLU B 242 7.41 -26.89 -8.31
CA GLU B 242 7.39 -28.31 -7.98
C GLU B 242 6.72 -28.61 -6.64
N VAL B 243 6.51 -27.60 -5.78
CA VAL B 243 5.94 -27.84 -4.45
C VAL B 243 4.42 -27.90 -4.58
N SER B 244 3.85 -29.09 -4.42
N SER B 244 3.85 -29.10 -4.42
CA SER B 244 2.45 -29.32 -4.71
CA SER B 244 2.43 -29.29 -4.71
C SER B 244 1.51 -28.57 -3.76
C SER B 244 1.54 -28.46 -3.79
N CYS B 245 1.97 -28.22 -2.56
CA CYS B 245 1.10 -27.60 -1.57
C CYS B 245 1.17 -26.08 -1.56
N LEU B 246 1.85 -25.47 -2.53
CA LEU B 246 2.03 -24.02 -2.55
C LEU B 246 0.72 -23.30 -2.86
N VAL B 247 0.36 -22.33 -2.01
CA VAL B 247 -0.81 -21.48 -2.21
C VAL B 247 -0.30 -20.04 -2.26
N PRO B 248 -0.33 -19.39 -3.43
CA PRO B 248 0.28 -18.05 -3.57
C PRO B 248 -0.71 -16.94 -3.29
N GLU B 249 -0.22 -15.87 -2.63
CA GLU B 249 -1.06 -14.69 -2.38
C GLU B 249 -0.25 -13.40 -2.59
N SER B 250 -0.36 -12.84 -3.80
CA SER B 250 0.11 -11.49 -4.05
C SER B 250 -0.63 -10.51 -3.16
N ASN B 251 -0.18 -9.25 -3.16
CA ASN B 251 -0.87 -8.23 -2.37
C ASN B 251 -2.35 -8.18 -2.71
N GLN B 252 -2.69 -8.29 -4.00
CA GLN B 252 -4.09 -8.16 -4.40
C GLN B 252 -4.91 -9.36 -3.96
N LYS B 253 -4.29 -10.54 -3.89
CA LYS B 253 -4.99 -11.72 -3.42
C LYS B 253 -5.14 -11.75 -1.91
N MET B 254 -4.26 -11.06 -1.18
CA MET B 254 -4.22 -11.19 0.26
C MET B 254 -4.97 -10.08 1.00
N LYS B 255 -4.97 -8.85 0.47
CA LYS B 255 -5.26 -7.71 1.34
C LYS B 255 -6.67 -7.76 1.91
N ASP B 256 -7.66 -8.04 1.07
CA ASP B 256 -9.06 -7.93 1.47
C ASP B 256 -9.79 -9.26 1.47
N SER B 257 -9.07 -10.38 1.42
CA SER B 257 -9.70 -11.68 1.23
C SER B 257 -9.80 -12.48 2.51
N TYR B 258 -9.70 -11.83 3.66
CA TYR B 258 -9.83 -12.48 4.96
C TYR B 258 -10.89 -11.74 5.77
N LEU B 259 -11.53 -12.49 6.66
CA LEU B 259 -12.32 -11.90 7.73
C LEU B 259 -11.42 -11.84 8.96
N ILE B 260 -11.17 -10.64 9.45
CA ILE B 260 -10.12 -10.42 10.45
C ILE B 260 -10.77 -9.79 11.67
N LEU B 261 -10.84 -10.51 12.77
CA LEU B 261 -11.28 -9.97 14.04
C LEU B 261 -10.08 -9.56 14.89
N ASP B 262 -10.12 -8.33 15.39
CA ASP B 262 -9.04 -7.85 16.25
C ASP B 262 -9.28 -8.27 17.71
N GLU B 263 -8.48 -7.71 18.62
CA GLU B 263 -8.48 -8.17 19.99
C GLU B 263 -9.74 -7.74 20.73
N TYR B 264 -10.49 -6.79 20.19
CA TYR B 264 -11.80 -6.43 20.69
C TYR B 264 -12.93 -7.13 19.95
N MET B 265 -12.57 -8.07 19.05
CA MET B 265 -13.54 -8.73 18.18
C MET B 265 -14.30 -7.75 17.30
N ARG B 266 -13.56 -6.79 16.75
CA ARG B 266 -14.04 -5.91 15.68
C ARG B 266 -13.47 -6.41 14.36
N PHE B 267 -14.28 -6.37 13.30
CA PHE B 267 -13.75 -6.71 11.99
C PHE B 267 -12.84 -5.59 11.49
N LEU B 268 -11.69 -5.97 10.91
CA LEU B 268 -10.74 -5.00 10.37
C LEU B 268 -10.92 -4.93 8.85
N ASN B 269 -11.18 -3.72 8.37
CA ASN B 269 -11.42 -3.46 6.96
C ASN B 269 -10.13 -2.90 6.37
N CYS B 270 -9.60 -3.60 5.35
CA CYS B 270 -8.31 -3.26 4.75
C CYS B 270 -8.45 -2.58 3.40
N THR B 271 -9.68 -2.23 2.99
CA THR B 271 -9.87 -1.70 1.65
C THR B 271 -9.26 -0.32 1.48
N GLY B 272 -9.08 0.42 2.56
CA GLY B 272 -8.43 1.70 2.50
C GLY B 272 -6.94 1.66 2.78
N GLY B 273 -6.36 0.47 2.86
CA GLY B 273 -4.94 0.33 3.12
C GLY B 273 -4.56 0.33 4.57
N ARG B 274 -5.52 0.49 5.47
CA ARG B 274 -5.32 0.45 6.92
C ARG B 274 -5.95 -0.83 7.45
N LYS B 275 -6.09 -0.91 8.77
CA LYS B 275 -6.92 -1.93 9.40
C LYS B 275 -8.00 -1.18 10.19
N ASP B 276 -9.07 -0.78 9.49
CA ASP B 276 -10.08 0.10 10.08
C ASP B 276 -11.12 -0.75 10.82
N PRO B 277 -11.30 -0.59 12.12
CA PRO B 277 -12.17 -1.51 12.87
C PRO B 277 -13.65 -1.15 12.78
N SER B 278 -14.48 -2.20 12.67
CA SER B 278 -15.92 -2.06 12.86
C SER B 278 -16.22 -1.91 14.34
N LYS B 279 -17.51 -1.87 14.68
CA LYS B 279 -17.88 -2.08 16.07
C LYS B 279 -17.69 -3.56 16.42
N SER B 280 -17.59 -3.86 17.70
CA SER B 280 -17.35 -5.23 18.11
C SER B 280 -18.61 -6.07 17.91
N ILE B 281 -18.42 -7.33 17.45
CA ILE B 281 -19.55 -8.26 17.37
C ILE B 281 -20.19 -8.45 18.74
N LEU B 282 -19.42 -8.26 19.82
CA LEU B 282 -19.95 -8.43 21.17
C LEU B 282 -20.92 -7.31 21.53
N ASP B 283 -20.92 -6.20 20.80
CA ASP B 283 -21.79 -5.08 21.06
C ASP B 283 -22.93 -4.96 20.06
N VAL B 284 -22.66 -5.12 18.78
CA VAL B 284 -23.66 -4.92 17.74
C VAL B 284 -24.07 -6.21 17.04
N GLY B 285 -23.43 -7.33 17.33
CA GLY B 285 -23.72 -8.58 16.65
C GLY B 285 -22.90 -8.76 15.39
N VAL B 286 -22.89 -10.00 14.90
CA VAL B 286 -22.06 -10.35 13.73
C VAL B 286 -22.57 -9.65 12.47
N GLU B 287 -23.89 -9.69 12.25
N GLU B 287 -23.89 -9.69 12.25
CA GLU B 287 -24.44 -9.18 11.00
CA GLU B 287 -24.44 -9.18 10.99
C GLU B 287 -24.18 -7.70 10.84
C GLU B 287 -24.17 -7.70 10.84
N GLU B 288 -24.35 -6.92 11.91
CA GLU B 288 -24.12 -5.49 11.82
C GLU B 288 -22.64 -5.18 11.63
N ALA B 289 -21.76 -5.85 12.40
CA ALA B 289 -20.34 -5.55 12.31
C ALA B 289 -19.75 -5.97 10.97
N ILE B 290 -20.15 -7.13 10.46
CA ILE B 290 -19.53 -7.66 9.24
C ILE B 290 -19.86 -6.80 8.02
N LYS B 291 -20.92 -6.00 8.08
CA LYS B 291 -21.22 -5.08 6.99
C LYS B 291 -20.08 -4.11 6.74
N PHE B 292 -19.22 -3.88 7.74
CA PHE B 292 -18.12 -2.93 7.62
C PHE B 292 -16.76 -3.62 7.52
N SER B 293 -16.75 -4.92 7.21
CA SER B 293 -15.51 -5.68 7.17
C SER B 293 -14.69 -5.42 5.91
N GLY B 294 -15.30 -4.96 4.83
CA GLY B 294 -14.57 -4.83 3.59
C GLY B 294 -14.15 -6.15 2.97
N PHE B 295 -14.81 -7.24 3.35
CA PHE B 295 -14.43 -8.57 2.88
C PHE B 295 -14.73 -8.71 1.39
N ASP B 296 -13.77 -9.26 0.65
CA ASP B 296 -13.93 -9.59 -0.78
C ASP B 296 -14.09 -11.11 -0.85
N GLU B 297 -15.34 -11.56 -0.86
CA GLU B 297 -15.61 -13.00 -0.86
C GLU B 297 -15.15 -13.66 -2.16
N LYS B 298 -15.29 -12.97 -3.28
N LYS B 298 -15.27 -12.94 -3.28
CA LYS B 298 -14.80 -13.54 -4.53
CA LYS B 298 -14.81 -13.47 -4.55
C LYS B 298 -13.30 -13.80 -4.45
C LYS B 298 -13.30 -13.74 -4.54
N MET B 299 -12.54 -12.86 -3.88
CA MET B 299 -11.10 -13.05 -3.78
C MET B 299 -10.76 -14.14 -2.77
N PHE B 300 -11.53 -14.24 -1.68
CA PHE B 300 -11.36 -15.33 -0.74
C PHE B 300 -11.43 -16.67 -1.46
N LEU B 301 -12.41 -16.85 -2.35
CA LEU B 301 -12.52 -18.10 -3.10
C LEU B 301 -11.40 -18.23 -4.12
N LYS B 302 -11.06 -17.12 -4.79
CA LYS B 302 -10.05 -17.15 -5.86
C LYS B 302 -8.69 -17.54 -5.32
N ARG B 303 -8.37 -17.17 -4.08
CA ARG B 303 -7.07 -17.53 -3.51
C ARG B 303 -7.06 -18.91 -2.89
N GLY B 304 -8.14 -19.68 -3.02
CA GLY B 304 -8.19 -21.01 -2.42
C GLY B 304 -8.57 -21.02 -0.95
N GLY B 305 -9.31 -20.03 -0.48
CA GLY B 305 -9.66 -19.96 0.93
C GLY B 305 -10.55 -21.07 1.42
N LYS B 306 -11.28 -21.74 0.53
CA LYS B 306 -12.11 -22.88 0.91
C LYS B 306 -11.43 -24.14 0.41
N TYR B 307 -11.14 -25.05 1.32
CA TYR B 307 -10.38 -26.26 1.00
C TYR B 307 -10.71 -27.32 2.05
N VAL B 308 -10.18 -28.52 1.85
CA VAL B 308 -10.35 -29.61 2.81
C VAL B 308 -9.52 -29.26 4.04
N TRP B 309 -10.21 -28.75 5.07
CA TRP B 309 -9.54 -28.10 6.19
C TRP B 309 -9.76 -28.82 7.51
N SER B 310 -10.38 -30.00 7.49
CA SER B 310 -10.55 -30.83 8.68
C SER B 310 -9.51 -31.94 8.63
N LYS B 311 -8.74 -32.09 9.71
CA LYS B 311 -7.67 -33.10 9.69
C LYS B 311 -8.22 -34.52 9.56
N ALA B 312 -9.46 -34.75 9.98
CA ALA B 312 -10.07 -36.07 9.80
C ALA B 312 -10.20 -36.46 8.34
N ASP B 313 -10.08 -35.49 7.42
CA ASP B 313 -10.15 -35.74 5.98
C ASP B 313 -8.78 -35.66 5.31
N LEU B 314 -7.70 -35.46 6.07
CA LEU B 314 -6.36 -35.34 5.54
C LEU B 314 -5.51 -36.53 5.95
N LYS B 315 -4.41 -36.73 5.22
N LYS B 315 -4.43 -36.73 5.20
CA LYS B 315 -3.44 -37.76 5.52
CA LYS B 315 -3.44 -37.76 5.53
C LYS B 315 -2.32 -37.15 6.36
C LYS B 315 -2.34 -37.13 6.37
N LEU B 316 -2.16 -37.61 7.60
CA LEU B 316 -1.32 -36.94 8.58
C LEU B 316 -0.01 -37.63 8.91
N ASP B 317 0.21 -38.86 8.44
CA ASP B 317 1.39 -39.64 8.79
C ASP B 317 2.53 -39.49 7.78
N TRP B 318 2.21 -39.44 6.49
CA TRP B 318 3.20 -39.11 5.48
C TRP B 318 2.52 -38.44 4.29
#